data_7CFE
#
_entry.id   7CFE
#
_cell.length_a   44.980
_cell.length_b   63.880
_cell.length_c   72.390
_cell.angle_alpha   90.00
_cell.angle_beta   90.00
_cell.angle_gamma   90.00
#
_symmetry.space_group_name_H-M   'P 21 21 21'
#
loop_
_entity.id
_entity.type
_entity.pdbx_description
1 polymer 'Ribosomal RNA small subunit methyltransferase G'
2 non-polymer SINEFUNGIN
3 non-polymer 'PHOSPHATE ION'
4 non-polymer 'ISOPROPYL ALCOHOL'
5 water water
#
_entity_poly.entity_id   1
_entity_poly.type   'polypeptide(L)'
_entity_poly.pdbx_seq_one_letter_code
;HHHHHHMSPIEPAASAIFGPRLGLARRYAEALAGPGVERGLVGPREVGRLWDRHLLNCAVIGELLERGDRVVDIGSGAGL
PGVPLAIARPDLQVVLLEPLLRRTEFLREMVTDLGVAVEIVRGRAEESWVQDQLGGSDAAVSRAVAALDKLTKWSMPLIR
PNGRMLAIKGERAHDEVREHRRVMIASGAVDVRVVTCGANYLRPPATVVFARRGKQIARGSARMASGGTA
;
_entity_poly.pdbx_strand_id   A
#
# COMPACT_ATOMS: atom_id res chain seq x y z
N HIS A 5 -23.43 3.06 15.16
CA HIS A 5 -23.07 3.60 13.84
C HIS A 5 -21.65 3.21 13.44
N HIS A 6 -20.68 3.94 14.02
CA HIS A 6 -19.29 3.54 14.03
C HIS A 6 -18.66 3.50 12.62
N MET A 7 -18.98 4.51 11.80
CA MET A 7 -18.26 4.73 10.54
C MET A 7 -17.70 6.16 10.46
N SER A 8 -17.80 6.93 11.54
CA SER A 8 -17.34 8.31 11.60
C SER A 8 -15.83 8.36 11.83
N PRO A 9 -15.12 9.23 11.13
CA PRO A 9 -13.65 9.21 11.17
C PRO A 9 -13.09 9.45 12.56
N ILE A 10 -12.00 8.75 12.86
CA ILE A 10 -11.23 8.97 14.08
C ILE A 10 -10.47 10.28 13.95
N GLU A 11 -10.73 11.22 14.85
CA GLU A 11 -10.14 12.55 14.80
C GLU A 11 -9.26 12.80 16.03
N PRO A 12 -8.20 13.62 15.89
CA PRO A 12 -7.80 14.41 14.72
C PRO A 12 -6.94 13.66 13.70
N ALA A 13 -6.72 12.36 13.93
CA ALA A 13 -5.87 11.59 13.01
C ALA A 13 -6.40 11.63 11.57
N ALA A 14 -7.70 11.44 11.40
CA ALA A 14 -8.25 11.37 10.05
C ALA A 14 -8.02 12.67 9.30
N SER A 15 -8.28 13.81 9.94
CA SER A 15 -8.04 15.08 9.25
C SER A 15 -6.54 15.34 9.11
N ALA A 16 -5.73 14.93 10.08
CA ALA A 16 -4.29 15.02 9.92
C ALA A 16 -3.83 14.34 8.65
N ILE A 17 -4.37 13.15 8.38
CA ILE A 17 -3.86 12.30 7.30
C ILE A 17 -4.50 12.64 5.97
N PHE A 18 -5.81 12.85 5.95
CA PHE A 18 -6.52 13.04 4.69
C PHE A 18 -6.85 14.49 4.38
N GLY A 19 -6.78 15.41 5.35
CA GLY A 19 -7.05 16.79 5.12
C GLY A 19 -8.31 17.03 4.33
N PRO A 20 -8.21 17.86 3.31
CA PRO A 20 -9.40 18.23 2.52
C PRO A 20 -10.05 17.06 1.80
N ARG A 21 -9.37 15.91 1.66
CA ARG A 21 -9.98 14.73 1.04
C ARG A 21 -10.51 13.73 2.07
N LEU A 22 -10.76 14.20 3.30
CA LEU A 22 -11.38 13.35 4.32
C LEU A 22 -12.68 12.73 3.82
N GLY A 23 -13.46 13.46 3.03
CA GLY A 23 -14.73 12.93 2.56
C GLY A 23 -14.55 11.75 1.62
N LEU A 24 -13.55 11.82 0.74
CA LEU A 24 -13.21 10.66 -0.07
C LEU A 24 -12.84 9.49 0.81
N ALA A 25 -12.01 9.74 1.83
CA ALA A 25 -11.64 8.67 2.76
C ALA A 25 -12.89 8.02 3.36
N ARG A 26 -13.85 8.85 3.79
CA ARG A 26 -15.05 8.33 4.42
CA ARG A 26 -15.05 8.33 4.42
C ARG A 26 -15.88 7.51 3.44
N ARG A 27 -16.04 8.01 2.21
CA ARG A 27 -16.70 7.24 1.16
C ARG A 27 -16.04 5.88 0.95
N TYR A 28 -14.71 5.86 0.94
CA TYR A 28 -13.99 4.59 0.76
C TYR A 28 -14.26 3.66 1.93
N ALA A 29 -14.18 4.17 3.15
CA ALA A 29 -14.46 3.34 4.33
C ALA A 29 -15.87 2.79 4.27
N GLU A 30 -16.81 3.61 3.81
CA GLU A 30 -18.19 3.16 3.72
C GLU A 30 -18.34 2.04 2.70
N ALA A 31 -17.68 2.16 1.56
CA ALA A 31 -17.82 1.11 0.56
C ALA A 31 -17.15 -0.18 1.03
N LEU A 32 -16.01 -0.08 1.72
CA LEU A 32 -15.42 -1.27 2.33
C LEU A 32 -16.35 -1.88 3.36
N ALA A 33 -17.03 -1.04 4.16
CA ALA A 33 -17.94 -1.53 5.19
C ALA A 33 -19.23 -2.06 4.61
N GLY A 34 -19.65 -1.54 3.46
CA GLY A 34 -20.83 -2.04 2.78
C GLY A 34 -20.50 -3.14 1.79
N PRO A 35 -20.43 -2.77 0.50
CA PRO A 35 -20.20 -3.79 -0.56
C PRO A 35 -18.93 -4.59 -0.38
N GLY A 36 -17.91 -4.04 0.29
CA GLY A 36 -16.73 -4.83 0.60
C GLY A 36 -17.06 -6.03 1.48
N VAL A 37 -17.91 -5.82 2.49
CA VAL A 37 -18.31 -6.93 3.34
C VAL A 37 -19.28 -7.85 2.60
N GLU A 38 -20.27 -7.26 1.92
CA GLU A 38 -21.25 -8.04 1.20
C GLU A 38 -20.62 -8.93 0.13
N ARG A 39 -19.46 -8.54 -0.41
CA ARG A 39 -18.77 -9.32 -1.43
C ARG A 39 -17.69 -10.22 -0.88
N GLY A 40 -17.53 -10.30 0.44
CA GLY A 40 -16.53 -11.17 1.01
C GLY A 40 -15.11 -10.67 0.91
N LEU A 41 -14.91 -9.38 0.64
CA LEU A 41 -13.56 -8.83 0.55
C LEU A 41 -13.09 -8.23 1.86
N VAL A 42 -14.01 -7.81 2.73
CA VAL A 42 -13.67 -7.28 4.04
C VAL A 42 -14.31 -8.18 5.09
N GLY A 43 -13.49 -8.72 5.99
CA GLY A 43 -13.97 -9.57 7.05
C GLY A 43 -14.85 -8.79 7.98
N PRO A 44 -15.90 -9.42 8.50
CA PRO A 44 -16.85 -8.69 9.36
C PRO A 44 -16.18 -8.01 10.53
N ARG A 45 -15.26 -8.71 11.18
CA ARG A 45 -14.58 -8.16 12.35
C ARG A 45 -13.79 -6.90 12.02
N GLU A 46 -13.37 -6.72 10.76
CA GLU A 46 -12.56 -5.57 10.40
C GLU A 46 -13.37 -4.29 10.28
N VAL A 47 -14.71 -4.36 10.29
CA VAL A 47 -15.50 -3.17 10.00
C VAL A 47 -15.22 -2.07 11.04
N GLY A 48 -15.21 -2.42 12.32
CA GLY A 48 -14.91 -1.47 13.37
C GLY A 48 -13.45 -1.04 13.45
N ARG A 49 -12.57 -1.66 12.65
CA ARG A 49 -11.16 -1.33 12.60
C ARG A 49 -10.77 -0.63 11.30
N LEU A 50 -11.76 -0.22 10.51
CA LEU A 50 -11.45 0.31 9.19
C LEU A 50 -10.64 1.60 9.25
N TRP A 51 -10.89 2.46 10.24
CA TRP A 51 -10.08 3.67 10.33
C TRP A 51 -8.69 3.38 10.88
N ASP A 52 -8.60 2.92 12.14
CA ASP A 52 -7.29 2.88 12.80
C ASP A 52 -6.40 1.80 12.20
N ARG A 53 -6.93 0.63 11.94
CA ARG A 53 -6.10 -0.46 11.46
C ARG A 53 -5.86 -0.42 9.95
N HIS A 54 -6.83 0.09 9.18
CA HIS A 54 -6.64 0.00 7.73
C HIS A 54 -6.37 1.35 7.07
N LEU A 55 -7.34 2.28 7.06
CA LEU A 55 -7.12 3.51 6.30
C LEU A 55 -5.97 4.34 6.85
N LEU A 56 -5.97 4.61 8.16
CA LEU A 56 -4.94 5.47 8.72
C LEU A 56 -3.57 4.79 8.65
N ASN A 57 -3.50 3.53 9.08
CA ASN A 57 -2.23 2.83 9.14
C ASN A 57 -1.59 2.69 7.77
N CYS A 58 -2.40 2.55 6.73
CA CYS A 58 -1.90 2.43 5.37
C CYS A 58 -1.47 3.78 4.83
N ALA A 59 -2.32 4.80 4.98
CA ALA A 59 -2.02 6.10 4.39
C ALA A 59 -0.82 6.80 5.02
N VAL A 60 -0.47 6.49 6.28
CA VAL A 60 0.68 7.24 6.83
C VAL A 60 2.00 6.88 6.15
N ILE A 61 2.10 5.75 5.45
CA ILE A 61 3.36 5.45 4.77
C ILE A 61 3.67 6.44 3.66
N GLY A 62 2.74 7.36 3.36
CA GLY A 62 3.07 8.42 2.42
C GLY A 62 4.18 9.32 2.90
N GLU A 63 4.45 9.33 4.22
CA GLU A 63 5.58 10.08 4.77
C GLU A 63 6.90 9.71 4.10
N LEU A 64 7.00 8.51 3.51
CA LEU A 64 8.23 8.03 2.90
C LEU A 64 8.20 8.12 1.38
N LEU A 65 7.21 8.80 0.80
CA LEU A 65 7.09 8.94 -0.64
C LEU A 65 7.26 10.40 -1.05
N GLU A 66 8.00 10.62 -2.12
CA GLU A 66 8.27 11.98 -2.57
C GLU A 66 7.11 12.48 -3.43
N ARG A 67 7.02 13.80 -3.54
CA ARG A 67 5.90 14.42 -4.25
C ARG A 67 5.84 13.92 -5.69
N GLY A 68 4.65 13.52 -6.11
CA GLY A 68 4.49 13.06 -7.48
C GLY A 68 5.05 11.68 -7.77
N ASP A 69 5.36 10.88 -6.75
CA ASP A 69 5.86 9.53 -6.97
C ASP A 69 4.82 8.69 -7.71
N ARG A 70 5.32 7.86 -8.64
CA ARG A 70 4.55 6.80 -9.26
C ARG A 70 4.73 5.54 -8.40
N VAL A 71 3.61 4.99 -7.95
CA VAL A 71 3.60 3.98 -6.91
C VAL A 71 2.80 2.78 -7.40
N VAL A 72 3.38 1.59 -7.27
CA VAL A 72 2.67 0.35 -7.52
C VAL A 72 2.34 -0.26 -6.17
N ASP A 73 1.06 -0.57 -5.95
CA ASP A 73 0.61 -1.30 -4.77
C ASP A 73 0.50 -2.77 -5.16
N ILE A 74 1.46 -3.58 -4.70
CA ILE A 74 1.51 -4.99 -5.09
C ILE A 74 0.59 -5.80 -4.19
N GLY A 75 -0.39 -6.47 -4.79
CA GLY A 75 -1.39 -7.27 -4.10
C GLY A 75 -2.41 -6.42 -3.38
N SER A 76 -3.02 -5.45 -4.09
CA SER A 76 -3.79 -4.41 -3.44
C SER A 76 -5.04 -4.97 -2.77
N GLY A 77 -5.57 -6.07 -3.29
CA GLY A 77 -6.76 -6.68 -2.68
C GLY A 77 -7.95 -5.75 -2.79
N ALA A 78 -8.43 -5.27 -1.65
CA ALA A 78 -9.53 -4.32 -1.62
C ALA A 78 -9.05 -2.87 -1.72
N GLY A 79 -7.75 -2.64 -1.90
CA GLY A 79 -7.26 -1.29 -2.14
C GLY A 79 -6.28 -0.77 -1.10
N LEU A 80 -5.68 -1.70 -0.35
CA LEU A 80 -4.90 -1.33 0.82
C LEU A 80 -3.47 -1.83 0.62
N PRO A 81 -2.45 -0.96 0.68
CA PRO A 81 -2.50 0.45 1.09
C PRO A 81 -2.74 1.50 -0.01
N GLY A 82 -2.94 1.10 -1.27
CA GLY A 82 -2.84 2.06 -2.37
C GLY A 82 -3.93 3.12 -2.37
N VAL A 83 -5.17 2.74 -2.06
CA VAL A 83 -6.26 3.72 -2.15
C VAL A 83 -6.21 4.73 -1.01
N PRO A 84 -5.96 4.33 0.25
CA PRO A 84 -5.76 5.37 1.28
C PRO A 84 -4.59 6.29 0.95
N LEU A 85 -3.55 5.74 0.34
CA LEU A 85 -2.40 6.55 -0.05
CA LEU A 85 -2.40 6.54 -0.06
C LEU A 85 -2.81 7.58 -1.09
N ALA A 86 -3.50 7.14 -2.14
CA ALA A 86 -3.90 8.06 -3.19
C ALA A 86 -4.83 9.15 -2.66
N ILE A 87 -5.72 8.77 -1.72
CA ILE A 87 -6.63 9.77 -1.17
C ILE A 87 -5.87 10.77 -0.31
N ALA A 88 -4.94 10.28 0.52
CA ALA A 88 -4.15 11.15 1.38
C ALA A 88 -3.27 12.09 0.57
N ARG A 89 -2.74 11.61 -0.55
CA ARG A 89 -1.71 12.29 -1.32
C ARG A 89 -2.15 12.38 -2.77
N PRO A 90 -2.95 13.40 -3.14
CA PRO A 90 -3.38 13.51 -4.55
C PRO A 90 -2.23 13.72 -5.54
N ASP A 91 -1.06 14.16 -5.08
CA ASP A 91 0.10 14.31 -5.97
C ASP A 91 0.59 12.97 -6.51
N LEU A 92 0.33 11.87 -5.81
CA LEU A 92 0.82 10.57 -6.24
C LEU A 92 0.04 10.05 -7.43
N GLN A 93 0.68 9.16 -8.18
CA GLN A 93 0.03 8.38 -9.24
C GLN A 93 0.12 6.92 -8.82
N VAL A 94 -0.98 6.38 -8.33
CA VAL A 94 -1.01 5.06 -7.75
C VAL A 94 -1.56 4.08 -8.77
N VAL A 95 -0.91 2.93 -8.86
CA VAL A 95 -1.39 1.78 -9.62
C VAL A 95 -1.57 0.62 -8.64
N LEU A 96 -2.75 0.03 -8.65
CA LEU A 96 -3.07 -1.15 -7.84
C LEU A 96 -2.83 -2.39 -8.69
N LEU A 97 -1.89 -3.23 -8.27
CA LEU A 97 -1.63 -4.49 -8.94
C LEU A 97 -2.34 -5.60 -8.17
N GLU A 98 -3.32 -6.26 -8.81
CA GLU A 98 -4.12 -7.31 -8.15
C GLU A 98 -4.57 -8.36 -9.16
N PRO A 99 -4.26 -9.64 -8.92
CA PRO A 99 -4.60 -10.67 -9.93
C PRO A 99 -6.04 -11.18 -9.89
N LEU A 100 -6.71 -11.12 -8.74
CA LEU A 100 -8.06 -11.67 -8.61
C LEU A 100 -9.10 -10.76 -9.28
N LEU A 101 -9.84 -11.33 -10.24
CA LEU A 101 -10.83 -10.57 -10.99
C LEU A 101 -11.97 -10.08 -10.10
N ARG A 102 -12.38 -10.89 -9.12
CA ARG A 102 -13.35 -10.45 -8.11
C ARG A 102 -12.89 -9.16 -7.43
N ARG A 103 -11.61 -9.10 -7.07
CA ARG A 103 -11.07 -7.92 -6.40
C ARG A 103 -10.89 -6.74 -7.35
N THR A 104 -10.41 -6.99 -8.58
CA THR A 104 -10.26 -5.88 -9.53
C THR A 104 -11.60 -5.29 -9.94
N GLU A 105 -12.64 -6.14 -10.10
CA GLU A 105 -14.00 -5.62 -10.25
C GLU A 105 -14.34 -4.65 -9.14
N PHE A 106 -14.11 -5.08 -7.88
CA PHE A 106 -14.38 -4.18 -6.77
C PHE A 106 -13.60 -2.87 -6.90
N LEU A 107 -12.30 -2.98 -7.14
CA LEU A 107 -11.43 -1.80 -7.21
C LEU A 107 -11.88 -0.83 -8.31
N ARG A 108 -12.24 -1.34 -9.49
CA ARG A 108 -12.68 -0.44 -10.55
C ARG A 108 -13.95 0.31 -10.14
N GLU A 109 -14.88 -0.42 -9.52
CA GLU A 109 -16.10 0.22 -9.05
C GLU A 109 -15.78 1.39 -8.11
N MET A 110 -14.92 1.13 -7.11
CA MET A 110 -14.61 2.19 -6.14
C MET A 110 -13.82 3.33 -6.77
N VAL A 111 -12.81 3.01 -7.59
CA VAL A 111 -11.96 4.05 -8.13
C VAL A 111 -12.77 5.01 -8.99
N THR A 112 -13.72 4.48 -9.76
CA THR A 112 -14.55 5.39 -10.53
C THR A 112 -15.56 6.12 -9.63
N ASP A 113 -16.11 5.44 -8.62
CA ASP A 113 -17.01 6.13 -7.70
C ASP A 113 -16.29 7.10 -6.77
N LEU A 114 -14.98 7.27 -6.90
CA LEU A 114 -14.25 8.23 -6.09
C LEU A 114 -13.56 9.33 -6.88
N GLY A 115 -13.41 9.18 -8.19
CA GLY A 115 -12.67 10.15 -8.96
C GLY A 115 -11.20 10.22 -8.64
N VAL A 116 -10.67 9.22 -7.93
CA VAL A 116 -9.28 9.27 -7.52
C VAL A 116 -8.40 8.80 -8.67
N ALA A 117 -7.25 9.47 -8.83
CA ALA A 117 -6.34 9.17 -9.95
C ALA A 117 -5.58 7.87 -9.65
N VAL A 118 -6.33 6.77 -9.64
CA VAL A 118 -5.74 5.45 -9.41
C VAL A 118 -6.03 4.58 -10.63
N GLU A 119 -5.03 3.81 -11.05
CA GLU A 119 -5.17 2.84 -12.13
C GLU A 119 -5.09 1.42 -11.57
N ILE A 120 -5.63 0.46 -12.31
CA ILE A 120 -5.70 -0.92 -11.86
C ILE A 120 -5.10 -1.82 -12.93
N VAL A 121 -4.12 -2.63 -12.54
CA VAL A 121 -3.55 -3.67 -13.41
C VAL A 121 -3.93 -5.01 -12.80
N ARG A 122 -4.59 -5.86 -13.58
CA ARG A 122 -4.86 -7.23 -13.14
C ARG A 122 -3.74 -8.13 -13.61
N GLY A 123 -2.84 -8.48 -12.70
CA GLY A 123 -1.75 -9.39 -13.00
C GLY A 123 -0.97 -9.67 -11.73
N ARG A 124 -0.02 -10.59 -11.84
CA ARG A 124 0.88 -10.93 -10.77
C ARG A 124 2.24 -10.28 -10.98
N ALA A 125 2.89 -9.93 -9.87
CA ALA A 125 4.10 -9.12 -9.93
C ALA A 125 5.23 -9.81 -10.67
N GLU A 126 5.33 -11.13 -10.57
CA GLU A 126 6.47 -11.82 -11.17
C GLU A 126 6.35 -12.00 -12.68
N GLU A 127 5.23 -11.60 -13.30
CA GLU A 127 5.05 -11.79 -14.74
C GLU A 127 5.91 -10.80 -15.53
N SER A 128 6.59 -11.31 -16.56
CA SER A 128 7.42 -10.45 -17.41
C SER A 128 6.66 -9.24 -17.91
N TRP A 129 5.41 -9.45 -18.35
CA TRP A 129 4.66 -8.32 -18.90
C TRP A 129 4.36 -7.28 -17.84
N VAL A 130 4.15 -7.71 -16.59
CA VAL A 130 3.98 -6.75 -15.49
C VAL A 130 5.26 -5.99 -15.24
N GLN A 131 6.40 -6.69 -15.21
CA GLN A 131 7.65 -6.01 -14.97
C GLN A 131 7.93 -4.99 -16.06
N ASP A 132 7.54 -5.28 -17.30
CA ASP A 132 7.68 -4.26 -18.34
C ASP A 132 6.66 -3.14 -18.17
N GLN A 133 5.40 -3.50 -17.87
CA GLN A 133 4.32 -2.53 -17.80
C GLN A 133 4.57 -1.51 -16.70
N LEU A 134 5.06 -1.97 -15.56
CA LEU A 134 5.20 -1.13 -14.37
C LEU A 134 6.65 -0.87 -14.01
N GLY A 135 7.60 -1.29 -14.83
CA GLY A 135 9.00 -0.96 -14.57
C GLY A 135 9.21 0.52 -14.42
N GLY A 136 10.28 0.88 -13.70
CA GLY A 136 10.60 2.28 -13.50
C GLY A 136 9.72 3.05 -12.54
N SER A 137 8.87 2.39 -11.77
CA SER A 137 8.07 3.10 -10.78
C SER A 137 8.97 3.68 -9.69
N ASP A 138 8.49 4.77 -9.06
CA ASP A 138 9.27 5.39 -7.99
C ASP A 138 9.20 4.61 -6.71
N ALA A 139 8.10 3.88 -6.48
CA ALA A 139 7.98 3.13 -5.25
C ALA A 139 7.05 1.94 -5.47
N ALA A 140 7.30 0.90 -4.68
CA ALA A 140 6.44 -0.28 -4.63
C ALA A 140 6.02 -0.54 -3.19
N VAL A 141 4.72 -0.47 -2.93
CA VAL A 141 4.21 -0.61 -1.57
C VAL A 141 3.44 -1.92 -1.47
N SER A 142 3.26 -2.38 -0.23
CA SER A 142 2.50 -3.62 -0.07
C SER A 142 2.09 -3.80 1.37
N ARG A 143 1.11 -4.70 1.58
CA ARG A 143 0.74 -5.17 2.90
C ARG A 143 0.15 -6.58 2.78
N ALA A 144 0.58 -7.47 3.66
CA ALA A 144 -0.03 -8.79 3.85
C ALA A 144 -0.04 -9.61 2.56
N VAL A 145 1.09 -9.61 1.84
CA VAL A 145 1.20 -10.28 0.55
C VAL A 145 2.09 -11.51 0.63
N ALA A 146 3.30 -11.37 1.13
CA ALA A 146 4.25 -12.48 1.10
C ALA A 146 5.40 -12.20 2.07
N ALA A 147 6.12 -13.28 2.39
CA ALA A 147 7.35 -13.19 3.14
C ALA A 147 8.35 -12.30 2.41
N LEU A 148 9.22 -11.67 3.19
CA LEU A 148 10.04 -10.59 2.67
C LEU A 148 10.93 -10.99 1.51
N ASP A 149 11.37 -12.25 1.43
CA ASP A 149 12.26 -12.63 0.34
C ASP A 149 11.50 -12.64 -0.99
N LYS A 150 10.36 -13.31 -1.02
CA LYS A 150 9.53 -13.32 -2.22
C LYS A 150 8.99 -11.93 -2.51
N LEU A 151 8.57 -11.20 -1.46
CA LEU A 151 8.09 -9.84 -1.66
C LEU A 151 9.16 -8.97 -2.31
N THR A 152 10.40 -9.08 -1.85
CA THR A 152 11.46 -8.23 -2.40
C THR A 152 11.80 -8.64 -3.82
N LYS A 153 11.79 -9.94 -4.10
CA LYS A 153 11.98 -10.45 -5.46
C LYS A 153 10.90 -9.91 -6.39
N TRP A 154 9.68 -9.78 -5.88
CA TRP A 154 8.58 -9.26 -6.67
C TRP A 154 8.66 -7.75 -6.83
N SER A 155 9.16 -7.05 -5.82
CA SER A 155 9.11 -5.59 -5.78
C SER A 155 10.24 -4.96 -6.59
N MET A 156 11.48 -5.45 -6.40
CA MET A 156 12.62 -4.75 -6.98
C MET A 156 12.55 -4.57 -8.49
N PRO A 157 12.11 -5.55 -9.29
CA PRO A 157 12.00 -5.32 -10.75
C PRO A 157 11.07 -4.18 -11.13
N LEU A 158 10.14 -3.78 -10.28
CA LEU A 158 9.15 -2.76 -10.62
C LEU A 158 9.62 -1.36 -10.26
N ILE A 159 10.77 -1.25 -9.59
CA ILE A 159 11.25 -0.02 -9.00
C ILE A 159 12.42 0.49 -9.85
N ARG A 160 12.42 1.79 -10.15
CA ARG A 160 13.57 2.40 -10.83
C ARG A 160 14.82 2.34 -9.93
N PRO A 161 16.01 2.42 -10.52
CA PRO A 161 17.21 2.60 -9.69
C PRO A 161 16.99 3.73 -8.70
N ASN A 162 17.33 3.45 -7.45
CA ASN A 162 17.18 4.36 -6.33
C ASN A 162 15.74 4.62 -5.94
N GLY A 163 14.77 3.89 -6.49
CA GLY A 163 13.41 3.95 -5.98
C GLY A 163 13.30 3.33 -4.60
N ARG A 164 12.07 3.23 -4.10
CA ARG A 164 11.82 2.76 -2.74
C ARG A 164 10.82 1.61 -2.68
N MET A 165 11.13 0.61 -1.87
CA MET A 165 10.17 -0.40 -1.45
C MET A 165 9.67 -0.08 -0.05
N LEU A 166 8.35 -0.05 0.12
CA LEU A 166 7.69 0.13 1.42
C LEU A 166 6.78 -1.06 1.66
N ALA A 167 7.24 -2.02 2.48
CA ALA A 167 6.44 -3.20 2.82
C ALA A 167 5.90 -3.02 4.24
N ILE A 168 4.60 -2.70 4.36
CA ILE A 168 3.96 -2.68 5.67
C ILE A 168 4.06 -4.06 6.29
N LYS A 169 4.59 -4.14 7.51
CA LYS A 169 4.89 -5.44 8.09
C LYS A 169 4.54 -5.60 9.57
N GLY A 170 4.29 -4.53 10.33
CA GLY A 170 3.94 -4.80 11.73
C GLY A 170 5.10 -5.28 12.61
N GLU A 171 4.75 -5.82 13.77
CA GLU A 171 5.78 -6.19 14.74
C GLU A 171 6.66 -7.34 14.27
N ARG A 172 6.35 -7.97 13.15
CA ARG A 172 7.23 -8.99 12.60
C ARG A 172 8.21 -8.42 11.57
N ALA A 173 8.34 -7.10 11.49
CA ALA A 173 9.27 -6.50 10.53
C ALA A 173 10.71 -6.94 10.81
N HIS A 174 11.19 -6.72 12.05
CA HIS A 174 12.60 -6.95 12.34
C HIS A 174 13.02 -8.39 12.10
N ASP A 175 12.27 -9.34 12.68
CA ASP A 175 12.52 -10.76 12.41
C ASP A 175 12.65 -11.00 10.91
N GLU A 176 11.67 -10.52 10.14
CA GLU A 176 11.67 -10.79 8.70
C GLU A 176 12.93 -10.22 8.08
N VAL A 177 13.30 -8.98 8.45
CA VAL A 177 14.50 -8.39 7.87
C VAL A 177 15.69 -9.26 8.22
N ARG A 178 15.78 -9.67 9.49
CA ARG A 178 16.93 -10.46 9.91
C ARG A 178 16.97 -11.77 9.16
N GLU A 179 15.81 -12.35 8.85
CA GLU A 179 15.84 -13.61 8.14
C GLU A 179 16.23 -13.44 6.67
N HIS A 180 15.78 -12.36 6.03
CA HIS A 180 15.82 -12.31 4.58
C HIS A 180 16.75 -11.26 4.00
N ARG A 181 17.42 -10.47 4.83
CA ARG A 181 18.27 -9.38 4.35
C ARG A 181 19.19 -9.84 3.22
N ARG A 182 19.90 -10.95 3.42
CA ARG A 182 20.87 -11.44 2.45
C ARG A 182 20.22 -11.59 1.07
N VAL A 183 19.11 -12.31 1.00
CA VAL A 183 18.52 -12.55 -0.32
C VAL A 183 17.86 -11.28 -0.84
N MET A 184 17.42 -10.38 0.06
CA MET A 184 16.94 -9.09 -0.39
C MET A 184 18.05 -8.35 -1.14
N ILE A 185 19.26 -8.35 -0.58
CA ILE A 185 20.38 -7.68 -1.24
C ILE A 185 20.62 -8.34 -2.59
N ALA A 186 20.49 -9.67 -2.66
CA ALA A 186 20.76 -10.38 -3.90
C ALA A 186 19.74 -10.02 -4.98
N SER A 187 18.51 -9.69 -4.57
CA SER A 187 17.43 -9.28 -5.48
C SER A 187 17.50 -7.82 -5.88
N GLY A 188 18.45 -7.04 -5.38
CA GLY A 188 18.62 -5.67 -5.81
C GLY A 188 18.36 -4.62 -4.73
N ALA A 189 18.07 -5.02 -3.49
CA ALA A 189 17.84 -4.06 -2.43
C ALA A 189 19.17 -3.61 -1.83
N VAL A 190 19.18 -2.35 -1.36
CA VAL A 190 20.23 -1.84 -0.50
C VAL A 190 19.56 -1.00 0.58
N ASP A 191 20.30 -0.78 1.67
CA ASP A 191 19.85 0.10 2.73
C ASP A 191 18.52 -0.39 3.32
N VAL A 192 18.50 -1.67 3.67
CA VAL A 192 17.29 -2.29 4.18
C VAL A 192 17.14 -1.94 5.65
N ARG A 193 15.98 -1.42 6.03
CA ARG A 193 15.82 -1.09 7.44
C ARG A 193 14.34 -0.99 7.80
N VAL A 194 14.07 -1.15 9.08
CA VAL A 194 12.73 -1.00 9.62
C VAL A 194 12.55 0.46 9.98
N VAL A 195 11.43 1.04 9.55
CA VAL A 195 11.08 2.42 9.87
C VAL A 195 9.61 2.44 10.29
N THR A 196 9.24 3.49 11.01
CA THR A 196 7.86 3.66 11.44
C THR A 196 7.30 4.95 10.86
N CYS A 197 6.00 4.95 10.58
CA CYS A 197 5.30 6.10 10.01
C CYS A 197 4.05 6.40 10.82
N GLY A 198 3.68 7.68 10.82
CA GLY A 198 2.49 8.11 11.54
C GLY A 198 2.61 8.03 13.05
N ALA A 199 3.84 8.15 13.58
CA ALA A 199 4.04 8.00 15.03
C ALA A 199 3.44 9.16 15.82
N ASN A 200 3.10 10.27 15.16
CA ASN A 200 2.30 11.30 15.81
C ASN A 200 0.87 10.87 16.08
N TYR A 201 0.37 9.85 15.37
CA TYR A 201 -1.06 9.56 15.35
C TYR A 201 -1.42 8.17 15.80
N LEU A 202 -0.53 7.20 15.69
CA LEU A 202 -0.87 5.81 15.89
C LEU A 202 0.15 5.16 16.79
N ARG A 203 -0.35 4.35 17.73
CA ARG A 203 0.48 3.56 18.62
C ARG A 203 -0.09 2.15 18.66
N PRO A 204 0.67 1.13 18.21
CA PRO A 204 1.98 1.29 17.57
C PRO A 204 1.88 2.06 16.27
N PRO A 205 2.96 2.72 15.85
CA PRO A 205 2.96 3.35 14.52
C PRO A 205 2.95 2.28 13.42
N ALA A 206 2.70 2.73 12.18
CA ALA A 206 2.83 1.82 11.05
C ALA A 206 4.28 1.37 10.95
N THR A 207 4.52 0.08 10.79
CA THR A 207 5.88 -0.46 10.77
C THR A 207 6.16 -1.00 9.37
N VAL A 208 7.20 -0.46 8.75
CA VAL A 208 7.44 -0.64 7.32
C VAL A 208 8.88 -1.07 7.13
N VAL A 209 9.07 -2.15 6.37
CA VAL A 209 10.38 -2.54 5.86
C VAL A 209 10.68 -1.68 4.64
N PHE A 210 11.60 -0.73 4.82
CA PHE A 210 12.04 0.20 3.79
C PHE A 210 13.27 -0.34 3.11
N ALA A 211 13.30 -0.24 1.79
CA ALA A 211 14.53 -0.57 1.06
C ALA A 211 14.65 0.36 -0.13
N ARG A 212 15.86 0.52 -0.62
CA ARG A 212 16.10 1.19 -1.89
C ARG A 212 16.40 0.14 -2.95
N ARG A 213 16.05 0.47 -4.19
CA ARG A 213 16.57 -0.28 -5.32
C ARG A 213 18.00 0.19 -5.51
N GLY A 214 18.97 -0.63 -5.09
CA GLY A 214 20.36 -0.34 -5.29
C GLY A 214 20.76 -0.42 -6.77
N LYS A 215 22.01 -0.03 -7.04
CA LYS A 215 22.49 0.03 -8.41
C LYS A 215 22.81 -1.36 -8.96
N GLN A 216 22.92 -2.37 -8.11
CA GLN A 216 23.36 -3.67 -8.60
C GLN A 216 22.28 -4.33 -9.45
N ILE A 217 22.72 -5.09 -10.44
CA ILE A 217 21.81 -5.84 -11.31
C ILE A 217 21.56 -7.19 -10.66
N ALA A 218 20.29 -7.58 -10.56
CA ALA A 218 19.92 -8.78 -9.82
C ALA A 218 20.33 -10.04 -10.57
#